data_5KDT
#
_entry.id   5KDT
#
_cell.length_a   55.325
_cell.length_b   90.127
_cell.length_c   123.185
_cell.angle_alpha   90.00
_cell.angle_beta   90.00
_cell.angle_gamma   90.00
#
_symmetry.space_group_name_H-M   'P 21 21 21'
#
loop_
_entity.id
_entity.type
_entity.pdbx_description
1 polymer 'Glutamate receptor ionotropic, NMDA 2A'
2 polymer 'Glutamate receptor ionotropic, NMDA 1'
3 non-polymer 'ACETATE ION'
4 non-polymer 'GLUTAMIC ACID'
5 non-polymer (1~{R},2~{R})-2-[7-[[5-chloranyl-3-(trifluoromethyl)pyrazol-1-yl]methyl]-5-oxidanylidene-2-(trifluoromethyl)-[1,3]thiazolo[3,2-a]pyrimidin-3-yl]cyclopropane-1-carbonitrile
6 non-polymer GLYCINE
7 water water
#
loop_
_entity_poly.entity_id
_entity_poly.type
_entity_poly.pdbx_seq_one_letter_code
_entity_poly.pdbx_strand_id
1 'polypeptide(L)'
;GSPDDNHLSIVTLEEAPFVIVEDIDPLTETCVRNTVPCRKFVKINNSTNEGMNVKKCCKGFCIDILKKLSRTVKFTYDLY
LVTNGKHGKKVNNVWNGMIGEVVYQRAVMAVGSLTINEERSEVVDFSVPFVETGISVMVSRGTQVTGLSDKKFQRPHDYS
PPFRFGTVPNGSTERNIRNNYPYMHQYMTKFNQKGVEDALVSLKTGKLDAFIYDAAVLNYKAGRDEGCKLVTIGSGYIFA
TTGYGIALQKGSPWKRQIDLALLQFVGDGEMEELETLWLTGICHN
;
A
2 'polypeptide(L)'
;GSMSTRLKIVTIHQEPFVYVKPTLSDGTCKEEFTVNGDPVKKVICTGPNDTSPGSPRHTVPQCCYGFCIDLLIKLARTMN
FTYEVHLVADGKFGTQERVNNSNKKEWNGMMGELLSGQADMIVAPLTINNERAQYIEFSKPFKYQGLTILVKKGTRITGI
NDPRLRNPSDKFIYATVKQSSVDIYFRRQVELSTMYRHMEKHNYESAAEAIQAVRDNKLHAFIWDSAVLEFEASQKCDLV
TTGELFFRSGFGIGMRKDSPWKQNVSLSILKSHENGFMEDLDKTWVRYQECDS
;
B
#
loop_
_chem_comp.id
_chem_comp.type
_chem_comp.name
_chem_comp.formula
6RV non-polymer (1~{R},2~{R})-2-[7-[[5-chloranyl-3-(trifluoromethyl)pyrazol-1-yl]methyl]-5-oxidanylidene-2-(trifluoromethyl)-[1,3]thiazolo[3,2-a]pyrimidin-3-yl]cyclopropane-1-carbonitrile 'C16 H8 Cl F6 N5 O S'
ACT non-polymer 'ACETATE ION' 'C2 H3 O2 -1'
#
# COMPACT_ATOMS: atom_id res chain seq x y z
N ASP A 5 -7.43 -29.94 -10.01
CA ASP A 5 -6.51 -29.22 -9.10
C ASP A 5 -7.16 -27.92 -8.61
N ASN A 6 -8.40 -28.06 -8.13
CA ASN A 6 -9.33 -27.04 -7.63
C ASN A 6 -9.43 -27.07 -6.08
N HIS A 7 -8.95 -28.16 -5.46
CA HIS A 7 -9.01 -28.34 -4.01
C HIS A 7 -7.66 -27.98 -3.40
N LEU A 8 -7.59 -26.79 -2.80
CA LEU A 8 -6.32 -26.25 -2.32
C LEU A 8 -6.04 -26.43 -0.82
N SER A 9 -4.80 -26.83 -0.50
CA SER A 9 -4.31 -26.93 0.88
C SER A 9 -3.88 -25.50 1.27
N ILE A 10 -4.51 -24.93 2.31
CA ILE A 10 -4.28 -23.56 2.75
C ILE A 10 -3.90 -23.48 4.23
N VAL A 11 -2.85 -22.71 4.54
CA VAL A 11 -2.38 -22.54 5.93
C VAL A 11 -2.81 -21.19 6.51
N THR A 12 -3.14 -21.21 7.78
CA THR A 12 -3.50 -20.00 8.50
C THR A 12 -2.82 -20.04 9.89
N LEU A 13 -3.01 -18.98 10.65
CA LEU A 13 -2.46 -18.82 11.98
C LEU A 13 -3.38 -17.87 12.69
N GLU A 14 -3.70 -18.18 13.95
CA GLU A 14 -4.57 -17.35 14.79
C GLU A 14 -3.91 -16.03 15.20
N GLU A 15 -4.60 -14.93 14.88
CA GLU A 15 -4.25 -13.56 15.21
C GLU A 15 -5.49 -12.68 15.01
N ALA A 16 -6.20 -12.45 16.11
CA ALA A 16 -7.43 -11.65 16.18
C ALA A 16 -7.14 -10.20 15.76
N PRO A 17 -8.00 -9.53 14.95
CA PRO A 17 -9.33 -9.97 14.42
C PRO A 17 -9.28 -10.62 13.05
N PHE A 18 -8.05 -10.83 12.53
CA PHE A 18 -7.77 -11.37 11.19
C PHE A 18 -8.10 -12.82 11.13
N VAL A 19 -7.62 -13.60 12.10
CA VAL A 19 -7.92 -15.02 12.15
C VAL A 19 -8.27 -15.35 13.59
N ILE A 20 -9.46 -15.90 13.83
CA ILE A 20 -9.97 -16.25 15.16
C ILE A 20 -10.33 -17.74 15.12
N VAL A 21 -9.85 -18.51 16.12
CA VAL A 21 -10.04 -19.95 16.25
C VAL A 21 -11.01 -20.27 17.38
N GLU A 22 -11.89 -21.26 17.14
CA GLU A 22 -12.93 -21.75 18.06
C GLU A 22 -13.07 -23.26 18.02
N ASP A 23 -13.59 -23.80 19.11
CA ASP A 23 -13.89 -25.23 19.26
C ASP A 23 -15.15 -25.49 18.48
N ILE A 24 -15.26 -26.68 17.87
CA ILE A 24 -16.43 -27.08 17.09
C ILE A 24 -17.71 -27.20 17.97
N ASP A 25 -18.88 -26.91 17.37
CA ASP A 25 -20.19 -26.94 18.03
C ASP A 25 -20.63 -28.33 18.57
N PRO A 26 -21.58 -28.41 19.54
CA PRO A 26 -21.99 -29.75 20.04
C PRO A 26 -22.86 -30.52 19.04
N GLU A 29 -22.73 -30.74 15.60
CA GLU A 29 -21.35 -31.20 15.83
C GLU A 29 -20.32 -30.70 14.75
N THR A 30 -20.66 -29.59 14.04
CA THR A 30 -19.84 -28.99 12.97
C THR A 30 -19.67 -27.44 13.10
N CYS A 31 -19.16 -26.77 12.05
CA CYS A 31 -18.92 -25.34 12.06
C CYS A 31 -20.14 -24.56 11.58
N VAL A 32 -20.63 -23.68 12.46
CA VAL A 32 -21.82 -22.82 12.29
C VAL A 32 -21.51 -21.41 11.72
N ARG A 33 -22.56 -20.74 11.21
CA ARG A 33 -22.60 -19.34 10.74
C ARG A 33 -21.44 -18.89 9.81
N ASN A 34 -20.72 -17.82 10.21
CA ASN A 34 -19.59 -17.21 9.51
C ASN A 34 -18.25 -17.95 9.68
N THR A 35 -18.23 -19.05 10.43
CA THR A 35 -17.03 -19.85 10.62
C THR A 35 -16.85 -20.90 9.51
N VAL A 36 -15.58 -21.22 9.21
CA VAL A 36 -15.22 -22.25 8.23
C VAL A 36 -14.44 -23.34 8.98
N PRO A 37 -14.50 -24.61 8.53
CA PRO A 37 -13.72 -25.64 9.22
C PRO A 37 -12.21 -25.45 9.04
N CYS A 38 -11.43 -25.60 10.12
CA CYS A 38 -9.96 -25.53 10.11
C CYS A 38 -9.38 -26.57 11.05
N ARG A 39 -8.36 -27.28 10.60
CA ARG A 39 -7.75 -28.32 11.41
C ARG A 39 -6.44 -27.85 12.05
N LYS A 40 -6.09 -28.46 13.18
CA LYS A 40 -4.86 -28.19 13.91
C LYS A 40 -4.36 -29.53 14.35
N PHE A 41 -3.12 -29.88 13.94
CA PHE A 41 -2.46 -31.12 14.36
C PHE A 41 -1.98 -30.92 15.81
N VAL A 42 -2.46 -31.78 16.72
CA VAL A 42 -2.16 -31.72 18.15
C VAL A 42 -1.48 -33.03 18.50
N LYS A 43 -0.30 -32.92 19.08
CA LYS A 43 0.49 -34.07 19.48
C LYS A 43 -0.12 -34.83 20.68
N ILE A 44 0.09 -36.16 20.73
CA ILE A 44 -0.40 -37.03 21.81
C ILE A 44 0.43 -36.79 23.09
N ASN A 45 1.77 -36.71 22.94
CA ASN A 45 2.76 -36.43 23.97
C ASN A 45 4.01 -35.82 23.32
N ASN A 46 5.07 -35.47 24.10
CA ASN A 46 6.29 -34.84 23.54
C ASN A 46 7.44 -35.81 23.38
N SER A 47 7.17 -37.08 23.67
CA SER A 47 8.10 -38.18 23.54
C SER A 47 7.72 -38.94 22.26
N THR A 48 6.76 -38.38 21.47
CA THR A 48 6.25 -38.97 20.24
C THR A 48 6.13 -37.96 19.09
N ASN A 49 5.86 -38.48 17.87
CA ASN A 49 5.62 -37.68 16.66
C ASN A 49 4.14 -37.81 16.30
N GLU A 50 3.48 -38.78 16.94
CA GLU A 50 2.07 -39.14 16.82
C GLU A 50 1.23 -37.95 17.25
N GLY A 51 0.19 -37.69 16.49
CA GLY A 51 -0.73 -36.61 16.78
C GLY A 51 -2.04 -36.77 16.07
N MET A 52 -2.98 -35.94 16.43
CA MET A 52 -4.27 -35.98 15.80
C MET A 52 -4.67 -34.64 15.34
N ASN A 53 -5.32 -34.57 14.19
CA ASN A 53 -5.84 -33.33 13.63
C ASN A 53 -7.17 -33.05 14.33
N VAL A 54 -7.24 -31.97 15.13
CA VAL A 54 -8.45 -31.57 15.84
C VAL A 54 -9.26 -30.66 14.91
N LYS A 55 -10.55 -30.90 14.83
CA LYS A 55 -11.46 -30.12 14.00
C LYS A 55 -11.83 -28.89 14.79
N LYS A 56 -11.46 -27.73 14.25
CA LYS A 56 -11.71 -26.43 14.87
C LYS A 56 -12.48 -25.57 13.85
N CYS A 57 -12.91 -24.37 14.26
CA CYS A 57 -13.65 -23.45 13.39
C CYS A 57 -12.90 -22.13 13.31
N CYS A 58 -12.82 -21.55 12.10
CA CYS A 58 -12.10 -20.30 11.84
C CYS A 58 -13.00 -19.20 11.28
N LYS A 59 -12.84 -18.00 11.82
CA LYS A 59 -13.58 -16.82 11.37
C LYS A 59 -12.61 -15.61 11.43
N GLY A 60 -13.05 -14.44 11.01
CA GLY A 60 -12.19 -13.26 11.05
C GLY A 60 -12.06 -12.58 9.71
N PHE A 61 -11.51 -11.38 9.70
CA PHE A 61 -11.31 -10.59 8.50
C PHE A 61 -10.70 -11.39 7.32
N CYS A 62 -9.50 -12.02 7.54
CA CYS A 62 -8.77 -12.78 6.53
C CYS A 62 -9.52 -14.02 6.06
N ILE A 63 -10.32 -14.62 6.96
CA ILE A 63 -11.19 -15.76 6.66
C ILE A 63 -12.34 -15.28 5.74
N ASP A 64 -12.91 -14.10 6.00
CA ASP A 64 -13.95 -13.58 5.10
C ASP A 64 -13.37 -13.31 3.69
N ILE A 65 -12.09 -12.91 3.63
CA ILE A 65 -11.36 -12.70 2.39
C ILE A 65 -11.18 -14.05 1.65
N LEU A 66 -10.92 -15.12 2.42
CA LEU A 66 -10.73 -16.47 1.86
C LEU A 66 -12.01 -16.96 1.22
N LYS A 67 -13.13 -16.76 1.92
CA LYS A 67 -14.47 -17.16 1.50
C LYS A 67 -14.82 -16.51 0.17
N LYS A 68 -14.53 -15.19 0.03
CA LYS A 68 -14.77 -14.40 -1.19
C LYS A 68 -13.89 -14.89 -2.34
N LEU A 69 -12.59 -15.17 -2.09
CA LEU A 69 -11.67 -15.67 -3.11
C LEU A 69 -12.09 -17.03 -3.59
N SER A 70 -12.48 -17.90 -2.67
CA SER A 70 -12.94 -19.26 -2.95
C SER A 70 -14.12 -19.22 -3.93
N ARG A 71 -15.04 -18.30 -3.69
CA ARG A 71 -16.24 -18.09 -4.48
C ARG A 71 -15.92 -17.45 -5.85
N THR A 72 -15.17 -16.31 -5.87
CA THR A 72 -14.77 -15.55 -7.08
C THR A 72 -13.81 -16.35 -7.95
N VAL A 73 -12.65 -16.73 -7.40
CA VAL A 73 -11.57 -17.48 -8.09
C VAL A 73 -11.99 -18.96 -8.36
N LYS A 74 -13.09 -19.41 -7.75
CA LYS A 74 -13.67 -20.75 -7.90
C LYS A 74 -12.70 -21.88 -7.54
N PHE A 75 -12.40 -22.01 -6.25
CA PHE A 75 -11.57 -23.13 -5.75
C PHE A 75 -12.20 -23.53 -4.43
N THR A 76 -11.96 -24.77 -3.99
CA THR A 76 -12.40 -25.26 -2.69
C THR A 76 -11.12 -25.45 -1.89
N TYR A 77 -11.20 -25.56 -0.56
CA TYR A 77 -9.96 -25.69 0.20
C TYR A 77 -10.05 -26.57 1.44
N ASP A 78 -8.88 -26.91 1.97
CA ASP A 78 -8.70 -27.60 3.21
C ASP A 78 -7.78 -26.71 4.06
N LEU A 79 -8.40 -25.96 4.95
CA LEU A 79 -7.70 -25.03 5.80
C LEU A 79 -7.11 -25.70 7.05
N TYR A 80 -5.84 -25.41 7.32
CA TYR A 80 -5.18 -25.90 8.52
C TYR A 80 -4.34 -24.80 9.19
N LEU A 81 -4.14 -24.94 10.48
CA LEU A 81 -3.36 -23.99 11.27
C LEU A 81 -1.90 -24.48 11.37
N VAL A 82 -0.92 -23.62 11.13
CA VAL A 82 0.52 -23.98 11.19
C VAL A 82 0.86 -24.37 12.65
N THR A 83 1.74 -25.35 12.82
CA THR A 83 2.13 -25.80 14.17
C THR A 83 3.65 -25.77 14.33
N ASN A 84 4.36 -25.57 13.23
CA ASN A 84 5.80 -25.47 13.23
C ASN A 84 6.13 -24.07 13.72
N GLY A 85 6.30 -23.07 12.90
CA GLY A 85 6.53 -21.77 13.56
C GLY A 85 5.28 -20.94 13.75
N LYS A 86 5.34 -19.68 13.37
CA LYS A 86 4.18 -18.76 13.39
C LYS A 86 4.00 -18.21 11.95
N HIS A 87 4.36 -16.94 11.70
CA HIS A 87 4.23 -16.31 10.39
C HIS A 87 5.35 -16.74 9.42
N GLY A 88 6.59 -16.65 9.88
CA GLY A 88 7.73 -17.05 9.08
C GLY A 88 9.02 -16.44 9.55
N LYS A 89 9.97 -17.33 9.81
CA LYS A 89 11.35 -17.06 10.23
C LYS A 89 12.30 -18.03 9.52
N LYS A 90 13.40 -17.48 8.99
CA LYS A 90 14.45 -18.23 8.30
C LYS A 90 15.47 -18.59 9.35
N VAL A 91 15.48 -19.84 9.77
CA VAL A 91 16.46 -20.26 10.76
C VAL A 91 17.50 -21.11 9.99
N ASN A 92 18.77 -20.66 9.96
CA ASN A 92 19.86 -21.38 9.28
C ASN A 92 19.48 -21.69 7.83
N ASN A 93 18.78 -20.74 7.18
CA ASN A 93 18.33 -20.81 5.78
C ASN A 93 17.10 -21.72 5.56
N VAL A 94 16.48 -22.25 6.64
CA VAL A 94 15.29 -23.08 6.56
C VAL A 94 14.09 -22.27 7.08
N TRP A 95 13.09 -22.06 6.22
CA TRP A 95 11.90 -21.28 6.58
C TRP A 95 10.93 -22.11 7.41
N ASN A 96 10.42 -21.51 8.48
CA ASN A 96 9.41 -22.10 9.35
C ASN A 96 8.13 -21.29 9.16
N GLY A 97 7.13 -21.53 10.01
CA GLY A 97 5.86 -20.84 10.03
C GLY A 97 5.03 -20.99 8.77
N MET A 98 4.16 -20.02 8.51
CA MET A 98 3.29 -20.04 7.31
C MET A 98 4.12 -20.01 6.02
N ILE A 99 5.22 -19.23 6.00
CA ILE A 99 6.12 -19.10 4.86
C ILE A 99 6.74 -20.44 4.50
N GLY A 100 7.24 -21.15 5.51
CA GLY A 100 7.82 -22.48 5.37
C GLY A 100 6.85 -23.45 4.75
N GLU A 101 5.58 -23.44 5.20
CA GLU A 101 4.52 -24.30 4.68
C GLU A 101 4.34 -24.16 3.18
N VAL A 102 4.36 -22.93 2.67
CA VAL A 102 4.26 -22.59 1.24
C VAL A 102 5.58 -22.97 0.49
N VAL A 103 6.76 -22.57 1.05
CA VAL A 103 8.09 -22.84 0.49
C VAL A 103 8.30 -24.36 0.26
N TYR A 104 7.96 -25.20 1.26
CA TYR A 104 8.15 -26.65 1.21
C TYR A 104 6.91 -27.39 0.71
N GLN A 105 5.99 -26.64 0.07
CA GLN A 105 4.79 -27.08 -0.65
C GLN A 105 3.82 -27.94 0.14
N ARG A 106 3.64 -27.65 1.42
CA ARG A 106 2.63 -28.33 2.24
C ARG A 106 1.31 -27.54 2.11
N ALA A 107 1.39 -26.29 1.61
CA ALA A 107 0.25 -25.41 1.42
C ALA A 107 0.42 -24.71 0.11
N VAL A 108 -0.69 -24.51 -0.60
CA VAL A 108 -0.77 -23.81 -1.89
C VAL A 108 -0.72 -22.30 -1.57
N MET A 109 -1.35 -21.92 -0.45
CA MET A 109 -1.34 -20.54 -0.06
C MET A 109 -1.43 -20.36 1.45
N ALA A 110 -0.92 -19.22 1.92
CA ALA A 110 -0.97 -18.83 3.33
C ALA A 110 -1.88 -17.62 3.40
N VAL A 111 -2.92 -17.71 4.24
CA VAL A 111 -3.90 -16.64 4.43
C VAL A 111 -3.86 -16.23 5.90
N GLY A 112 -3.67 -14.95 6.15
CA GLY A 112 -3.61 -14.48 7.52
C GLY A 112 -2.96 -13.13 7.64
N SER A 113 -2.49 -12.82 8.84
CA SER A 113 -1.87 -11.53 9.13
C SER A 113 -0.39 -11.61 8.79
N LEU A 114 -0.13 -12.01 7.54
CA LEU A 114 1.19 -12.25 6.97
C LEU A 114 1.78 -11.04 6.31
N THR A 115 2.82 -10.47 6.91
CA THR A 115 3.48 -9.27 6.41
C THR A 115 4.35 -9.54 5.18
N ILE A 116 4.13 -8.73 4.13
CA ILE A 116 4.92 -8.76 2.91
C ILE A 116 6.26 -8.10 3.23
N ASN A 117 7.36 -8.78 3.01
CA ASN A 117 8.68 -8.17 3.16
C ASN A 117 9.61 -8.72 2.04
N GLU A 118 10.76 -8.08 1.84
CA GLU A 118 11.70 -8.48 0.83
C GLU A 118 12.25 -9.92 0.97
N GLU A 119 12.70 -10.33 2.18
CA GLU A 119 13.30 -11.66 2.32
C GLU A 119 12.31 -12.78 2.11
N ARG A 120 11.04 -12.58 2.53
CA ARG A 120 9.99 -13.58 2.32
C ARG A 120 9.63 -13.66 0.83
N SER A 121 9.69 -12.51 0.13
CA SER A 121 9.38 -12.39 -1.30
C SER A 121 10.38 -13.11 -2.21
N GLU A 122 11.57 -13.42 -1.67
CA GLU A 122 12.60 -14.15 -2.38
C GLU A 122 12.27 -15.65 -2.45
N VAL A 123 11.38 -16.13 -1.57
CA VAL A 123 11.08 -17.58 -1.48
C VAL A 123 9.63 -17.93 -1.79
N VAL A 124 8.70 -16.94 -1.76
CA VAL A 124 7.26 -17.07 -2.03
C VAL A 124 6.79 -15.89 -2.87
N ASP A 125 5.67 -16.03 -3.56
CA ASP A 125 5.06 -14.93 -4.30
C ASP A 125 3.94 -14.35 -3.45
N PHE A 126 3.85 -13.03 -3.35
CA PHE A 126 2.77 -12.43 -2.58
C PHE A 126 1.75 -11.82 -3.50
N SER A 127 0.50 -11.77 -3.02
CA SER A 127 -0.61 -11.10 -3.70
C SER A 127 -0.45 -9.58 -3.46
N VAL A 128 -1.33 -8.77 -4.05
CA VAL A 128 -1.32 -7.34 -3.79
C VAL A 128 -1.58 -7.17 -2.26
N PRO A 129 -1.08 -6.14 -1.56
CA PRO A 129 -1.38 -6.03 -0.12
C PRO A 129 -2.89 -5.78 0.08
N PHE A 130 -3.56 -6.45 1.05
CA PHE A 130 -5.00 -6.23 1.19
C PHE A 130 -5.35 -5.49 2.49
N VAL A 131 -4.37 -5.29 3.38
CA VAL A 131 -4.49 -4.56 4.65
C VAL A 131 -3.18 -3.80 4.77
N GLU A 132 -3.23 -2.49 5.05
CA GLU A 132 -2.05 -1.71 5.25
C GLU A 132 -1.48 -1.98 6.64
N THR A 133 -0.19 -2.26 6.70
CA THR A 133 0.46 -2.47 7.97
C THR A 133 1.84 -1.84 7.92
N GLY A 134 2.68 -2.27 8.84
CA GLY A 134 4.03 -1.81 9.05
C GLY A 134 4.31 -1.95 10.51
N ILE A 135 5.07 -1.00 11.05
CA ILE A 135 5.51 -0.98 12.44
C ILE A 135 4.99 0.21 13.18
N SER A 136 4.31 -0.05 14.29
CA SER A 136 3.79 0.99 15.17
C SER A 136 4.31 0.75 16.55
N VAL A 137 4.12 1.73 17.43
CA VAL A 137 4.58 1.72 18.81
C VAL A 137 3.38 2.03 19.65
N MET A 138 3.06 1.14 20.61
CA MET A 138 1.98 1.27 21.55
C MET A 138 2.58 1.70 22.89
N VAL A 139 1.97 2.70 23.51
CA VAL A 139 2.43 3.27 24.78
C VAL A 139 1.19 3.65 25.58
N SER A 140 1.36 3.98 26.88
CA SER A 140 0.26 4.48 27.71
C SER A 140 0.11 5.93 27.23
N ARG A 141 -1.15 6.39 27.02
CA ARG A 141 -1.46 7.75 26.56
C ARG A 141 -0.67 8.78 27.38
N GLY A 142 0.06 9.63 26.67
CA GLY A 142 0.89 10.66 27.28
C GLY A 142 2.37 10.43 27.13
N THR A 143 2.80 9.17 26.87
CA THR A 143 4.22 8.82 26.72
C THR A 143 4.83 9.63 25.58
N GLN A 144 5.94 10.32 25.93
CA GLN A 144 6.69 11.21 25.07
C GLN A 144 7.76 10.49 24.23
N VAL A 145 7.36 9.98 23.05
CA VAL A 145 8.25 9.33 22.10
C VAL A 145 7.87 9.73 20.70
N THR A 146 8.85 10.22 19.91
CA THR A 146 8.65 10.73 18.54
C THR A 146 8.29 9.63 17.56
N GLY A 147 8.87 8.47 17.76
CA GLY A 147 8.69 7.29 16.93
C GLY A 147 9.89 6.38 17.07
N LEU A 148 10.03 5.37 16.17
CA LEU A 148 11.15 4.42 16.18
C LEU A 148 12.51 5.08 16.24
N SER A 149 12.65 6.27 15.62
CA SER A 149 13.88 7.06 15.54
C SER A 149 14.22 7.83 16.81
N ASP A 150 13.32 7.80 17.82
CA ASP A 150 13.57 8.48 19.10
C ASP A 150 14.81 7.92 19.81
N LYS A 151 15.65 8.81 20.37
CA LYS A 151 16.87 8.45 21.10
C LYS A 151 16.57 7.60 22.34
N LYS A 152 15.31 7.52 22.79
CA LYS A 152 14.88 6.65 23.89
C LYS A 152 14.98 5.19 23.43
N PHE A 153 14.77 4.95 22.11
CA PHE A 153 14.86 3.64 21.46
C PHE A 153 16.24 3.35 20.90
N GLN A 154 16.79 4.31 20.16
CA GLN A 154 18.02 4.23 19.41
C GLN A 154 19.26 4.18 20.26
N ARG A 155 19.29 4.99 21.36
CA ARG A 155 20.38 5.00 22.32
C ARG A 155 19.74 4.84 23.72
N PRO A 156 19.16 3.66 24.09
CA PRO A 156 18.45 3.56 25.37
C PRO A 156 19.25 3.82 26.64
N HIS A 157 20.57 3.57 26.63
CA HIS A 157 21.34 3.76 27.87
C HIS A 157 21.70 5.24 28.14
N ASP A 158 21.35 6.16 27.24
CA ASP A 158 21.54 7.60 27.43
C ASP A 158 20.51 8.15 28.45
N TYR A 159 19.64 7.26 28.98
CA TYR A 159 18.54 7.59 29.89
C TYR A 159 18.63 6.82 31.20
N SER A 160 18.30 7.52 32.30
CA SER A 160 18.33 6.98 33.68
C SER A 160 16.98 7.17 34.39
N PRO A 161 16.20 6.09 34.57
CA PRO A 161 16.45 4.71 34.10
C PRO A 161 16.19 4.57 32.60
N PRO A 162 16.73 3.52 31.95
CA PRO A 162 16.52 3.38 30.51
C PRO A 162 15.07 2.98 30.20
N PHE A 163 14.57 3.45 29.05
CA PHE A 163 13.22 3.17 28.55
C PHE A 163 13.09 1.63 28.32
N ARG A 164 11.99 1.04 28.78
CA ARG A 164 11.77 -0.41 28.65
C ARG A 164 10.85 -0.71 27.46
N PHE A 165 11.37 -1.36 26.41
CA PHE A 165 10.56 -1.66 25.23
C PHE A 165 10.95 -2.97 24.61
N GLY A 166 9.95 -3.67 24.12
CA GLY A 166 10.12 -4.96 23.47
C GLY A 166 9.13 -5.17 22.35
N THR A 167 9.30 -6.30 21.66
CA THR A 167 8.44 -6.76 20.58
C THR A 167 8.13 -8.23 20.83
N VAL A 168 7.36 -8.85 19.92
CA VAL A 168 7.15 -10.28 19.92
C VAL A 168 8.19 -10.72 18.90
N PRO A 169 9.24 -11.47 19.34
CA PRO A 169 10.29 -11.88 18.41
C PRO A 169 9.83 -12.82 17.30
N ASN A 170 10.69 -13.04 16.30
CA ASN A 170 10.63 -14.03 15.22
C ASN A 170 9.71 -13.69 14.07
N GLY A 171 9.11 -12.50 14.10
CA GLY A 171 8.25 -12.03 13.02
C GLY A 171 8.94 -10.94 12.22
N SER A 172 8.22 -10.35 11.27
CA SER A 172 8.72 -9.28 10.40
C SER A 172 9.21 -8.02 11.12
N THR A 173 8.64 -7.71 12.31
CA THR A 173 9.00 -6.54 13.12
C THR A 173 10.43 -6.65 13.64
N GLU A 174 10.73 -7.76 14.34
CA GLU A 174 12.07 -8.01 14.89
C GLU A 174 13.10 -8.06 13.75
N ARG A 175 12.78 -8.72 12.62
CA ARG A 175 13.63 -8.81 11.45
C ARG A 175 14.03 -7.41 11.00
N ASN A 176 13.04 -6.53 10.89
CA ASN A 176 13.23 -5.15 10.47
C ASN A 176 14.10 -4.38 11.47
N ILE A 177 13.87 -4.55 12.79
CA ILE A 177 14.66 -3.85 13.82
C ILE A 177 16.10 -4.36 13.77
N ARG A 178 16.29 -5.69 13.60
CA ARG A 178 17.58 -6.36 13.49
C ARG A 178 18.42 -5.80 12.35
N ASN A 179 17.81 -5.64 11.17
CA ASN A 179 18.42 -5.05 9.98
C ASN A 179 18.68 -3.55 10.12
N ASN A 180 17.87 -2.76 10.82
CA ASN A 180 18.04 -1.30 10.81
C ASN A 180 18.66 -0.68 12.03
N TYR A 181 18.39 -1.22 13.22
CA TYR A 181 18.90 -0.64 14.47
C TYR A 181 19.58 -1.73 15.27
N PRO A 182 20.85 -2.05 14.92
CA PRO A 182 21.57 -3.13 15.63
C PRO A 182 21.64 -2.95 17.15
N TYR A 183 21.93 -1.72 17.62
CA TYR A 183 22.02 -1.45 19.07
C TYR A 183 20.68 -1.62 19.76
N MET A 184 19.61 -1.02 19.19
CA MET A 184 18.23 -1.09 19.68
CA MET A 184 18.25 -1.09 19.69
C MET A 184 17.80 -2.56 19.78
N HIS A 185 18.06 -3.34 18.74
CA HIS A 185 17.71 -4.74 18.71
C HIS A 185 18.34 -5.55 19.88
N GLN A 186 19.68 -5.49 20.04
CA GLN A 186 20.39 -6.21 21.11
C GLN A 186 19.96 -5.72 22.49
N TYR A 187 19.54 -4.46 22.63
CA TYR A 187 19.04 -4.00 23.93
C TYR A 187 17.62 -4.56 24.24
N MET A 188 16.75 -4.59 23.22
CA MET A 188 15.33 -5.02 23.31
C MET A 188 15.11 -6.45 23.70
N THR A 189 16.04 -7.34 23.37
CA THR A 189 15.79 -8.77 23.50
C THR A 189 15.44 -9.19 24.95
N LYS A 190 15.92 -8.46 25.97
CA LYS A 190 15.50 -8.79 27.34
C LYS A 190 14.01 -8.42 27.58
N PHE A 191 13.36 -7.69 26.63
CA PHE A 191 11.96 -7.30 26.79
C PHE A 191 11.07 -8.02 25.83
N ASN A 192 11.59 -9.09 25.23
CA ASN A 192 10.85 -9.97 24.31
C ASN A 192 9.58 -10.46 25.00
N GLN A 193 8.46 -10.43 24.27
CA GLN A 193 7.14 -10.82 24.80
C GLN A 193 6.72 -12.11 24.18
N LYS A 194 6.08 -12.99 24.94
CA LYS A 194 5.60 -14.27 24.40
C LYS A 194 4.50 -14.07 23.35
N GLY A 195 3.82 -12.93 23.41
CA GLY A 195 2.73 -12.59 22.51
C GLY A 195 2.08 -11.27 22.84
N VAL A 196 1.18 -10.81 21.99
CA VAL A 196 0.46 -9.54 22.09
C VAL A 196 -0.23 -9.34 23.44
N GLU A 197 -0.93 -10.36 23.93
CA GLU A 197 -1.65 -10.30 25.19
C GLU A 197 -0.75 -10.08 26.37
N ASP A 198 0.40 -10.75 26.42
CA ASP A 198 1.37 -10.55 27.48
C ASP A 198 1.89 -9.15 27.40
N ALA A 199 2.21 -8.68 26.18
CA ALA A 199 2.75 -7.35 25.96
C ALA A 199 1.87 -6.25 26.48
N LEU A 200 0.55 -6.31 26.22
CA LEU A 200 -0.43 -5.33 26.67
C LEU A 200 -0.59 -5.34 28.19
N VAL A 201 -0.51 -6.54 28.81
CA VAL A 201 -0.58 -6.66 30.27
C VAL A 201 0.63 -5.96 30.90
N SER A 202 1.87 -6.19 30.39
CA SER A 202 3.10 -5.53 30.87
C SER A 202 3.03 -3.99 30.75
N LEU A 203 2.41 -3.48 29.67
CA LEU A 203 2.22 -2.05 29.45
C LEU A 203 1.28 -1.48 30.53
N LYS A 204 0.04 -2.03 30.61
CA LYS A 204 -1.01 -1.68 31.57
C LYS A 204 -0.57 -1.81 33.05
N THR A 205 0.38 -2.72 33.37
CA THR A 205 0.87 -2.91 34.74
C THR A 205 2.25 -2.22 35.01
N GLY A 206 2.64 -1.27 34.14
CA GLY A 206 3.90 -0.53 34.26
C GLY A 206 5.19 -1.36 34.22
N LYS A 207 5.15 -2.56 33.64
CA LYS A 207 6.31 -3.46 33.54
C LYS A 207 7.09 -3.21 32.21
N LEU A 208 6.43 -2.54 31.24
CA LEU A 208 6.95 -2.14 29.91
C LEU A 208 6.55 -0.69 29.64
N ASP A 209 7.43 0.06 28.96
CA ASP A 209 7.19 1.46 28.60
C ASP A 209 6.57 1.62 27.17
N ALA A 210 7.04 0.79 26.23
CA ALA A 210 6.55 0.77 24.85
C ALA A 210 6.54 -0.68 24.31
N PHE A 211 5.61 -0.95 23.41
CA PHE A 211 5.52 -2.22 22.70
C PHE A 211 5.53 -1.93 21.19
N ILE A 212 6.55 -2.46 20.48
CA ILE A 212 6.76 -2.25 19.06
C ILE A 212 6.22 -3.47 18.33
N TYR A 213 5.28 -3.26 17.39
CA TYR A 213 4.67 -4.41 16.73
C TYR A 213 3.96 -4.02 15.46
N ASP A 214 3.38 -5.04 14.78
CA ASP A 214 2.54 -4.91 13.58
C ASP A 214 1.53 -3.79 13.79
N ALA A 215 1.46 -2.84 12.83
CA ALA A 215 0.59 -1.66 12.87
C ALA A 215 -0.89 -2.01 12.87
N ALA A 216 -1.35 -2.84 11.92
CA ALA A 216 -2.76 -3.21 11.85
C ALA A 216 -3.25 -3.86 13.17
N VAL A 217 -2.45 -4.74 13.79
CA VAL A 217 -2.83 -5.35 15.06
C VAL A 217 -2.82 -4.31 16.19
N LEU A 218 -1.79 -3.46 16.25
CA LEU A 218 -1.72 -2.44 17.30
C LEU A 218 -2.84 -1.41 17.22
N ASN A 219 -3.21 -0.97 16.02
CA ASN A 219 -4.33 -0.06 15.79
C ASN A 219 -5.65 -0.70 16.23
N TYR A 220 -5.89 -1.97 15.89
CA TYR A 220 -7.08 -2.70 16.37
C TYR A 220 -7.09 -2.74 17.89
N LYS A 221 -5.95 -3.11 18.51
CA LYS A 221 -5.86 -3.21 19.96
C LYS A 221 -6.09 -1.85 20.70
N ALA A 222 -5.56 -0.72 20.19
CA ALA A 222 -5.79 0.59 20.82
C ALA A 222 -7.28 1.01 20.69
N GLY A 223 -7.87 0.74 19.52
CA GLY A 223 -9.26 1.07 19.24
C GLY A 223 -10.27 0.32 20.08
N ARG A 224 -9.84 -0.73 20.80
CA ARG A 224 -10.68 -1.60 21.63
C ARG A 224 -10.16 -1.65 23.08
N ASP A 225 -9.17 -0.81 23.42
CA ASP A 225 -8.62 -0.79 24.78
C ASP A 225 -9.62 -0.27 25.81
N GLU A 226 -9.79 -1.03 26.91
CA GLU A 226 -10.70 -0.72 28.01
C GLU A 226 -10.20 0.52 28.74
N GLY A 227 -10.90 1.63 28.55
CA GLY A 227 -10.56 2.92 29.14
C GLY A 227 -9.70 3.75 28.21
N CYS A 228 -9.46 3.24 26.98
CA CYS A 228 -8.68 3.87 25.89
C CYS A 228 -7.34 4.46 26.37
N LYS A 229 -6.68 3.74 27.31
CA LYS A 229 -5.41 4.04 27.95
C LYS A 229 -4.20 3.84 27.02
N LEU A 230 -4.16 2.70 26.28
CA LEU A 230 -3.07 2.35 25.37
C LEU A 230 -3.31 2.91 23.98
N VAL A 231 -2.31 3.63 23.45
CA VAL A 231 -2.41 4.29 22.14
C VAL A 231 -1.17 4.03 21.27
N THR A 232 -1.30 4.26 19.96
CA THR A 232 -0.18 4.17 19.02
C THR A 232 0.39 5.59 18.78
N ILE A 233 1.73 5.74 18.86
CA ILE A 233 2.42 7.04 18.72
C ILE A 233 2.08 7.70 17.38
N GLY A 234 1.91 9.02 17.43
CA GLY A 234 1.50 9.82 16.29
C GLY A 234 0.00 9.65 16.07
N SER A 235 -0.48 9.91 14.85
CA SER A 235 -1.90 9.70 14.56
C SER A 235 -2.03 8.19 14.20
N GLY A 236 -1.44 7.34 15.06
CA GLY A 236 -1.33 5.91 14.87
C GLY A 236 -0.41 5.64 13.70
N TYR A 237 0.72 6.39 13.64
CA TYR A 237 1.76 6.40 12.61
C TYR A 237 2.36 5.01 12.31
N ILE A 238 2.72 4.75 11.03
CA ILE A 238 3.28 3.49 10.55
C ILE A 238 4.71 3.64 9.95
N PHE A 239 5.75 3.02 10.59
CA PHE A 239 7.10 2.96 10.04
C PHE A 239 7.18 1.72 9.16
N ALA A 240 8.12 1.70 8.19
CA ALA A 240 8.36 0.63 7.21
C ALA A 240 7.04 0.10 6.72
N THR A 241 6.20 1.02 6.21
CA THR A 241 4.87 0.73 5.75
C THR A 241 4.91 -0.42 4.75
N THR A 242 4.02 -1.38 4.95
CA THR A 242 3.88 -2.58 4.11
C THR A 242 2.41 -2.98 4.14
N GLY A 243 2.13 -4.21 3.82
CA GLY A 243 0.78 -4.73 3.88
C GLY A 243 0.76 -6.21 4.11
N TYR A 244 -0.43 -6.74 4.46
CA TYR A 244 -0.60 -8.19 4.56
C TYR A 244 -0.85 -8.68 3.14
N GLY A 245 -0.30 -9.82 2.81
CA GLY A 245 -0.49 -10.45 1.51
C GLY A 245 -0.71 -11.95 1.65
N ILE A 246 -1.38 -12.56 0.68
CA ILE A 246 -1.55 -13.99 0.62
C ILE A 246 -0.22 -14.52 -0.01
N ALA A 247 0.46 -15.41 0.69
CA ALA A 247 1.68 -16.00 0.16
C ALA A 247 1.29 -17.21 -0.70
N LEU A 248 1.90 -17.30 -1.87
CA LEU A 248 1.69 -18.35 -2.84
C LEU A 248 3.05 -18.91 -3.25
N GLN A 249 3.07 -20.12 -3.84
CA GLN A 249 4.33 -20.71 -4.30
C GLN A 249 4.86 -19.89 -5.47
N LYS A 250 6.13 -19.92 -5.72
CA LYS A 250 6.71 -19.08 -6.73
C LYS A 250 6.26 -19.54 -8.09
N GLY A 251 5.86 -18.60 -8.92
CA GLY A 251 5.28 -18.88 -10.22
C GLY A 251 3.97 -19.66 -10.17
N SER A 252 3.15 -19.41 -9.13
CA SER A 252 1.86 -20.05 -8.94
C SER A 252 0.83 -19.59 -9.96
N PRO A 253 -0.03 -20.51 -10.49
CA PRO A 253 -1.07 -20.09 -11.45
C PRO A 253 -2.23 -19.33 -10.80
N TRP A 254 -2.34 -19.42 -9.46
CA TRP A 254 -3.43 -18.82 -8.69
C TRP A 254 -3.30 -17.33 -8.44
N LYS A 255 -2.07 -16.79 -8.54
CA LYS A 255 -1.72 -15.39 -8.25
C LYS A 255 -2.51 -14.36 -9.07
N ARG A 256 -2.60 -14.54 -10.41
CA ARG A 256 -3.27 -13.60 -11.32
C ARG A 256 -4.70 -13.38 -10.92
N GLN A 257 -5.47 -14.48 -10.83
CA GLN A 257 -6.89 -14.51 -10.45
C GLN A 257 -7.09 -13.91 -9.06
N ILE A 258 -6.16 -14.23 -8.11
CA ILE A 258 -6.24 -13.75 -6.72
C ILE A 258 -5.98 -12.24 -6.64
N ASP A 259 -5.00 -11.74 -7.40
CA ASP A 259 -4.72 -10.29 -7.45
C ASP A 259 -5.91 -9.49 -7.97
N LEU A 260 -6.54 -9.95 -9.06
CA LEU A 260 -7.68 -9.26 -9.69
C LEU A 260 -8.92 -9.23 -8.83
N ALA A 261 -9.19 -10.36 -8.15
CA ALA A 261 -10.30 -10.49 -7.20
C ALA A 261 -10.13 -9.54 -6.03
N LEU A 262 -8.92 -9.42 -5.46
CA LEU A 262 -8.65 -8.49 -4.36
C LEU A 262 -8.87 -7.03 -4.77
N LEU A 263 -8.33 -6.64 -5.93
CA LEU A 263 -8.52 -5.28 -6.47
C LEU A 263 -9.99 -5.04 -6.81
N GLN A 264 -10.73 -6.12 -7.15
CA GLN A 264 -12.18 -6.09 -7.40
C GLN A 264 -12.87 -5.81 -6.08
N PHE A 265 -12.51 -6.57 -5.01
CA PHE A 265 -13.06 -6.38 -3.66
C PHE A 265 -12.85 -4.96 -3.14
N VAL A 266 -11.68 -4.35 -3.44
CA VAL A 266 -11.41 -2.97 -3.02
C VAL A 266 -12.33 -2.01 -3.82
N GLY A 267 -12.33 -2.16 -5.14
CA GLY A 267 -13.15 -1.35 -6.05
C GLY A 267 -14.62 -1.34 -5.71
N ASP A 268 -15.22 -2.55 -5.59
CA ASP A 268 -16.65 -2.85 -5.30
C ASP A 268 -17.19 -2.30 -3.98
N GLY A 269 -16.32 -2.06 -3.01
CA GLY A 269 -16.70 -1.64 -1.66
C GLY A 269 -16.77 -2.80 -0.69
N GLU A 270 -16.56 -4.05 -1.21
CA GLU A 270 -16.54 -5.30 -0.43
C GLU A 270 -15.46 -5.29 0.68
N MET A 271 -14.29 -4.68 0.40
CA MET A 271 -13.18 -4.54 1.33
C MET A 271 -13.50 -3.61 2.49
N GLU A 272 -14.11 -2.44 2.21
CA GLU A 272 -14.49 -1.46 3.25
C GLU A 272 -15.54 -2.03 4.19
N GLU A 273 -16.38 -2.94 3.68
CA GLU A 273 -17.39 -3.60 4.48
C GLU A 273 -16.71 -4.51 5.52
N LEU A 274 -15.63 -5.22 5.14
CA LEU A 274 -14.92 -6.10 6.07
C LEU A 274 -14.18 -5.33 7.17
N GLU A 275 -13.66 -4.13 6.80
CA GLU A 275 -12.95 -3.24 7.72
C GLU A 275 -13.95 -2.72 8.74
N THR A 276 -15.19 -2.42 8.29
CA THR A 276 -16.29 -1.97 9.14
C THR A 276 -16.67 -3.10 10.10
N LEU A 277 -16.92 -4.30 9.54
CA LEU A 277 -17.32 -5.51 10.24
C LEU A 277 -16.34 -6.03 11.30
N TRP A 278 -14.99 -5.95 11.05
CA TRP A 278 -13.95 -6.54 11.93
C TRP A 278 -12.96 -5.60 12.60
N LEU A 279 -12.63 -4.49 11.94
CA LEU A 279 -11.51 -3.65 12.40
C LEU A 279 -11.86 -2.35 13.13
N THR A 280 -13.07 -1.81 12.95
CA THR A 280 -13.49 -0.55 13.58
C THR A 280 -13.48 -0.61 15.10
N GLY A 281 -13.11 0.50 15.72
CA GLY A 281 -13.01 0.61 17.16
C GLY A 281 -13.79 1.77 17.77
N ILE A 282 -13.86 1.73 19.11
CA ILE A 282 -14.53 2.68 20.01
C ILE A 282 -13.63 3.89 20.27
N CYS A 283 -12.36 3.63 20.63
CA CYS A 283 -11.36 4.66 20.93
C CYS A 283 -10.98 5.40 19.66
N HIS A 284 -10.80 6.74 19.76
CA HIS A 284 -10.45 7.62 18.64
C HIS A 284 -9.51 8.77 19.05
N MET B 3 19.89 -1.46 -31.78
CA MET B 3 20.99 -1.96 -30.94
C MET B 3 21.05 -1.24 -29.57
N SER B 4 19.89 -1.08 -28.90
CA SER B 4 19.81 -0.39 -27.60
C SER B 4 19.03 -1.16 -26.53
N THR B 5 19.72 -1.47 -25.43
CA THR B 5 19.18 -2.18 -24.27
C THR B 5 18.76 -1.17 -23.17
N ARG B 6 18.73 0.14 -23.52
CA ARG B 6 18.35 1.27 -22.68
C ARG B 6 16.83 1.29 -22.52
N LEU B 7 16.35 1.32 -21.27
CA LEU B 7 14.93 1.31 -20.95
C LEU B 7 14.26 2.63 -21.28
N LYS B 8 13.09 2.56 -21.97
CA LYS B 8 12.30 3.76 -22.28
C LYS B 8 11.34 3.95 -21.10
N ILE B 9 11.40 5.10 -20.47
CA ILE B 9 10.60 5.40 -19.30
C ILE B 9 9.58 6.45 -19.65
N VAL B 10 8.32 6.18 -19.30
CA VAL B 10 7.29 7.17 -19.50
C VAL B 10 6.81 7.68 -18.13
N THR B 11 6.67 8.99 -18.03
CA THR B 11 6.19 9.68 -16.86
C THR B 11 5.19 10.72 -17.30
N ILE B 12 4.63 11.45 -16.33
CA ILE B 12 3.62 12.47 -16.53
C ILE B 12 3.93 13.60 -15.55
N HIS B 13 3.59 14.83 -15.90
CA HIS B 13 3.73 15.96 -15.00
C HIS B 13 2.70 15.78 -13.89
N GLN B 14 3.15 15.72 -12.63
CA GLN B 14 2.26 15.57 -11.48
C GLN B 14 3.05 15.89 -10.21
N GLU B 15 2.96 17.15 -9.77
CA GLU B 15 3.63 17.62 -8.55
C GLU B 15 2.97 16.96 -7.34
N PRO B 16 3.74 16.48 -6.33
CA PRO B 16 5.20 16.63 -6.14
C PRO B 16 6.07 15.45 -6.61
N PHE B 17 5.46 14.47 -7.31
CA PHE B 17 6.10 13.26 -7.81
C PHE B 17 6.97 13.53 -9.01
N VAL B 18 6.46 14.32 -9.96
CA VAL B 18 7.19 14.67 -11.18
C VAL B 18 6.94 16.13 -11.48
N TYR B 19 8.02 16.90 -11.44
CA TYR B 19 8.05 18.32 -11.76
C TYR B 19 8.57 18.36 -13.18
N VAL B 20 8.04 19.28 -13.97
CA VAL B 20 8.45 19.46 -15.37
C VAL B 20 8.70 20.94 -15.55
N LYS B 21 9.98 21.27 -15.80
CA LYS B 21 10.42 22.64 -15.98
C LYS B 21 11.20 22.71 -17.28
N PRO B 22 11.30 23.88 -17.96
CA PRO B 22 12.11 23.92 -19.20
C PRO B 22 13.61 23.85 -18.90
N THR B 23 14.41 23.41 -19.89
CA THR B 23 15.87 23.38 -19.76
C THR B 23 16.40 24.82 -19.89
N LEU B 24 17.65 25.06 -19.49
CA LEU B 24 18.32 26.35 -19.61
C LEU B 24 18.71 26.49 -21.07
N SER B 25 18.94 27.72 -21.55
CA SER B 25 19.33 28.01 -22.94
C SER B 25 20.39 27.06 -23.55
N ASP B 26 21.28 26.46 -22.73
CA ASP B 26 22.32 25.53 -23.21
C ASP B 26 21.90 24.02 -23.21
N GLY B 27 20.66 23.72 -22.88
CA GLY B 27 20.12 22.35 -22.85
C GLY B 27 20.37 21.57 -21.57
N THR B 28 20.57 22.25 -20.43
CA THR B 28 20.81 21.61 -19.14
C THR B 28 19.76 22.05 -18.12
N CYS B 29 19.77 21.41 -16.95
CA CYS B 29 18.85 21.68 -15.85
C CYS B 29 19.49 22.60 -14.82
N LYS B 30 18.74 23.64 -14.39
CA LYS B 30 19.13 24.60 -13.36
C LYS B 30 19.49 23.84 -12.09
N GLU B 31 20.68 24.12 -11.52
CA GLU B 31 21.16 23.48 -10.29
C GLU B 31 20.35 23.95 -9.09
N GLU B 32 19.70 23.01 -8.40
CA GLU B 32 18.84 23.31 -7.24
C GLU B 32 19.22 22.49 -6.03
N PHE B 33 18.67 22.84 -4.86
CA PHE B 33 18.98 22.14 -3.61
C PHE B 33 17.77 21.96 -2.73
N THR B 34 17.69 20.78 -2.10
CA THR B 34 16.64 20.40 -1.16
C THR B 34 16.83 21.21 0.13
N VAL B 35 15.85 21.11 1.07
CA VAL B 35 15.93 21.81 2.37
C VAL B 35 17.16 21.34 3.19
N ASN B 36 17.58 20.07 2.96
CA ASN B 36 18.74 19.46 3.62
C ASN B 36 20.11 19.77 2.94
N GLY B 37 20.09 20.71 1.98
CA GLY B 37 21.28 21.19 1.27
C GLY B 37 21.83 20.26 0.20
N ASP B 38 21.20 19.09 0.02
CA ASP B 38 21.57 18.09 -0.99
C ASP B 38 21.18 18.59 -2.37
N PRO B 39 21.95 18.27 -3.44
CA PRO B 39 21.53 18.72 -4.78
C PRO B 39 20.32 17.94 -5.29
N VAL B 40 19.34 18.64 -5.90
CA VAL B 40 18.14 18.05 -6.49
C VAL B 40 18.59 17.32 -7.73
N LYS B 41 18.36 15.99 -7.76
CA LYS B 41 18.72 15.13 -8.88
C LYS B 41 17.71 15.37 -10.02
N LYS B 42 18.22 15.79 -11.19
CA LYS B 42 17.36 16.07 -12.35
C LYS B 42 17.71 15.23 -13.55
N VAL B 43 16.72 14.95 -14.43
CA VAL B 43 16.92 14.18 -15.67
C VAL B 43 16.30 14.93 -16.82
N ILE B 44 16.87 14.75 -18.04
CA ILE B 44 16.29 15.33 -19.25
C ILE B 44 15.14 14.43 -19.65
N CYS B 45 13.94 15.02 -19.78
CA CYS B 45 12.71 14.35 -20.20
C CYS B 45 12.10 15.02 -21.42
N THR B 46 12.10 14.32 -22.56
CA THR B 46 11.52 14.84 -23.80
C THR B 46 9.97 14.80 -23.74
N GLY B 47 9.29 15.70 -24.42
CA GLY B 47 7.83 15.73 -24.41
C GLY B 47 7.20 16.88 -25.14
N PRO B 48 5.87 16.84 -25.39
CA PRO B 48 5.23 17.93 -26.14
C PRO B 48 5.10 19.27 -25.40
N ASN B 49 5.24 20.38 -26.14
CA ASN B 49 5.12 21.76 -25.66
C ASN B 49 3.70 22.28 -25.87
N ASP B 50 3.04 21.83 -26.96
CA ASP B 50 1.65 22.19 -27.28
C ASP B 50 0.71 21.11 -26.71
N THR B 51 0.18 21.37 -25.49
CA THR B 51 -0.70 20.48 -24.73
C THR B 51 -2.18 20.44 -25.22
N SER B 52 -2.57 21.34 -26.15
CA SER B 52 -3.93 21.45 -26.73
C SER B 52 -4.44 20.11 -27.34
N PRO B 53 -5.76 19.79 -27.25
CA PRO B 53 -6.25 18.53 -27.84
C PRO B 53 -6.47 18.58 -29.36
N GLY B 54 -6.02 17.53 -30.05
CA GLY B 54 -6.10 17.39 -31.49
C GLY B 54 -5.16 18.33 -32.22
N SER B 55 -4.00 18.61 -31.59
CA SER B 55 -2.95 19.51 -32.10
C SER B 55 -1.65 18.74 -32.38
N PRO B 56 -0.77 19.20 -33.32
CA PRO B 56 0.51 18.51 -33.52
C PRO B 56 1.38 18.56 -32.26
N ARG B 57 2.15 17.48 -32.02
CA ARG B 57 3.00 17.40 -30.84
C ARG B 57 4.48 17.56 -31.18
N HIS B 58 5.03 18.76 -30.90
CA HIS B 58 6.44 19.08 -31.13
C HIS B 58 7.25 18.73 -29.88
N THR B 59 7.95 17.60 -29.96
CA THR B 59 8.79 17.02 -28.91
C THR B 59 10.00 17.92 -28.64
N VAL B 60 10.16 18.32 -27.36
CA VAL B 60 11.24 19.17 -26.85
C VAL B 60 11.87 18.61 -25.56
N PRO B 61 13.22 18.76 -25.36
CA PRO B 61 13.81 18.31 -24.09
C PRO B 61 13.39 19.25 -22.97
N GLN B 62 13.03 18.66 -21.81
CA GLN B 62 12.58 19.38 -20.62
C GLN B 62 13.31 18.80 -19.41
N CYS B 63 13.17 19.41 -18.21
CA CYS B 63 13.80 18.91 -16.99
C CYS B 63 12.81 18.22 -16.09
N CYS B 64 13.17 17.03 -15.60
CA CYS B 64 12.34 16.24 -14.70
C CYS B 64 13.00 15.92 -13.37
N TYR B 65 12.25 16.11 -12.27
CA TYR B 65 12.67 15.82 -10.91
C TYR B 65 11.46 15.58 -10.01
N GLY B 66 11.69 14.96 -8.87
CA GLY B 66 10.62 14.73 -7.91
C GLY B 66 10.70 13.36 -7.29
N PHE B 67 9.71 13.03 -6.47
CA PHE B 67 9.65 11.74 -5.77
C PHE B 67 9.86 10.55 -6.74
N CYS B 68 9.17 10.53 -7.91
CA CYS B 68 9.26 9.46 -8.91
C CYS B 68 10.58 9.42 -9.68
N ILE B 69 11.23 10.58 -9.86
CA ILE B 69 12.52 10.62 -10.53
C ILE B 69 13.61 10.06 -9.57
N ASP B 70 13.57 10.46 -8.27
CA ASP B 70 14.47 9.94 -7.25
C ASP B 70 14.33 8.45 -7.12
N LEU B 71 13.08 7.93 -7.23
CA LEU B 71 12.79 6.48 -7.21
C LEU B 71 13.38 5.76 -8.45
N LEU B 72 13.27 6.39 -9.64
CA LEU B 72 13.79 5.86 -10.90
C LEU B 72 15.29 5.70 -10.79
N ILE B 73 15.99 6.74 -10.31
CA ILE B 73 17.44 6.77 -10.13
C ILE B 73 17.89 5.64 -9.17
N LYS B 74 17.15 5.44 -8.06
CA LYS B 74 17.42 4.38 -7.09
C LYS B 74 17.22 3.00 -7.72
N LEU B 75 16.13 2.83 -8.50
CA LEU B 75 15.83 1.58 -9.19
C LEU B 75 16.90 1.27 -10.24
N ALA B 76 17.28 2.29 -11.05
CA ALA B 76 18.31 2.14 -12.08
C ALA B 76 19.66 1.72 -11.45
N ARG B 77 20.14 2.42 -10.40
CA ARG B 77 21.38 2.06 -9.70
C ARG B 77 21.33 0.63 -9.14
N THR B 78 20.25 0.27 -8.44
CA THR B 78 20.04 -1.05 -7.82
C THR B 78 19.98 -2.22 -8.85
N MET B 79 19.27 -2.04 -9.97
CA MET B 79 19.09 -3.09 -10.95
C MET B 79 20.06 -3.06 -12.09
N ASN B 80 20.93 -2.03 -12.10
CA ASN B 80 21.99 -1.80 -13.08
C ASN B 80 21.42 -1.78 -14.52
N PHE B 81 20.51 -0.85 -14.77
CA PHE B 81 19.96 -0.61 -16.10
C PHE B 81 20.14 0.85 -16.44
N THR B 82 20.15 1.16 -17.74
CA THR B 82 20.24 2.53 -18.26
C THR B 82 18.84 2.85 -18.72
N TYR B 83 18.55 4.14 -18.85
CA TYR B 83 17.21 4.58 -19.21
C TYR B 83 17.18 5.88 -19.97
N GLU B 84 15.99 6.21 -20.50
CA GLU B 84 15.70 7.50 -21.12
C GLU B 84 14.24 7.83 -20.82
N VAL B 85 14.00 9.05 -20.34
CA VAL B 85 12.70 9.53 -19.88
C VAL B 85 12.01 10.41 -20.88
N HIS B 86 10.75 10.10 -21.16
CA HIS B 86 9.90 10.94 -22.01
C HIS B 86 8.58 11.10 -21.30
N LEU B 87 7.89 12.20 -21.55
CA LEU B 87 6.59 12.48 -20.95
C LEU B 87 5.52 11.98 -21.92
N VAL B 88 4.43 11.40 -21.37
CA VAL B 88 3.32 10.81 -22.13
C VAL B 88 2.78 11.81 -23.17
N ALA B 89 2.88 11.41 -24.46
CA ALA B 89 2.52 12.25 -25.61
C ALA B 89 1.12 12.89 -25.50
N ASP B 90 0.09 12.15 -25.03
CA ASP B 90 -1.26 12.71 -24.90
C ASP B 90 -1.56 13.35 -23.51
N GLY B 91 -0.59 13.31 -22.58
CA GLY B 91 -0.71 13.87 -21.23
C GLY B 91 -1.65 13.13 -20.28
N LYS B 92 -1.99 11.87 -20.59
CA LYS B 92 -2.94 11.07 -19.80
C LYS B 92 -2.37 9.89 -19.06
N PHE B 93 -3.01 9.57 -17.91
CA PHE B 93 -2.66 8.39 -17.11
C PHE B 93 -3.03 7.16 -17.89
N GLY B 94 -4.30 7.05 -18.28
CA GLY B 94 -4.73 5.93 -19.11
C GLY B 94 -5.93 5.13 -18.66
N THR B 95 -6.86 4.95 -19.61
CA THR B 95 -8.11 4.18 -19.50
C THR B 95 -8.30 3.35 -20.79
N GLN B 96 -9.10 2.28 -20.72
CA GLN B 96 -9.47 1.47 -21.88
C GLN B 96 -10.81 2.01 -22.39
N GLU B 97 -10.81 2.63 -23.59
CA GLU B 97 -12.03 3.18 -24.19
C GLU B 97 -12.47 2.39 -25.45
N ARG B 98 -13.78 2.40 -25.74
CA ARG B 98 -14.27 1.71 -26.94
C ARG B 98 -14.01 2.65 -28.11
N VAL B 99 -13.45 2.10 -29.20
CA VAL B 99 -13.10 2.84 -30.42
C VAL B 99 -14.38 3.20 -31.20
N ASN B 103 -16.64 -1.57 -31.19
CA ASN B 103 -16.24 -2.96 -31.39
C ASN B 103 -14.89 -3.29 -30.71
N LYS B 104 -13.83 -2.51 -31.02
CA LYS B 104 -12.48 -2.66 -30.46
C LYS B 104 -12.30 -1.70 -29.30
N LYS B 105 -11.53 -2.13 -28.28
CA LYS B 105 -11.22 -1.30 -27.11
C LYS B 105 -9.73 -0.98 -27.15
N GLU B 106 -9.37 0.28 -26.85
CA GLU B 106 -7.95 0.68 -26.87
C GLU B 106 -7.53 1.40 -25.62
N TRP B 107 -6.28 1.16 -25.18
CA TRP B 107 -5.74 1.88 -24.02
C TRP B 107 -5.07 3.17 -24.50
N ASN B 108 -5.27 4.22 -23.74
CA ASN B 108 -4.65 5.49 -24.05
C ASN B 108 -3.62 5.79 -22.93
N GLY B 109 -3.12 7.04 -22.94
CA GLY B 109 -2.15 7.54 -21.98
C GLY B 109 -0.88 6.74 -21.88
N MET B 110 -0.36 6.63 -20.66
CA MET B 110 0.86 5.88 -20.36
C MET B 110 0.62 4.37 -20.50
N MET B 111 -0.63 3.93 -20.22
CA MET B 111 -1.08 2.54 -20.40
C MET B 111 -0.91 2.17 -21.88
N GLY B 112 -1.43 3.04 -22.76
CA GLY B 112 -1.33 2.90 -24.21
C GLY B 112 0.09 2.80 -24.68
N GLU B 113 0.94 3.71 -24.21
CA GLU B 113 2.38 3.79 -24.51
C GLU B 113 3.14 2.58 -24.06
N LEU B 114 2.81 2.05 -22.87
CA LEU B 114 3.48 0.87 -22.36
C LEU B 114 3.12 -0.36 -23.16
N LEU B 115 1.82 -0.55 -23.44
CA LEU B 115 1.35 -1.75 -24.17
C LEU B 115 1.84 -1.81 -25.65
N SER B 116 2.06 -0.64 -26.28
CA SER B 116 2.52 -0.50 -27.65
C SER B 116 4.05 -0.62 -27.79
N GLY B 117 4.76 -0.67 -26.67
CA GLY B 117 6.22 -0.76 -26.72
C GLY B 117 6.92 0.57 -26.85
N GLN B 118 6.16 1.68 -26.87
CA GLN B 118 6.68 3.05 -26.93
C GLN B 118 7.47 3.36 -25.64
N ALA B 119 7.05 2.72 -24.51
CA ALA B 119 7.65 2.76 -23.19
C ALA B 119 7.94 1.33 -22.75
N ASP B 120 8.97 1.18 -21.91
CA ASP B 120 9.31 -0.11 -21.36
C ASP B 120 8.92 -0.19 -19.92
N MET B 121 8.63 0.98 -19.32
CA MET B 121 8.27 1.11 -17.91
C MET B 121 7.54 2.42 -17.65
N ILE B 122 6.55 2.39 -16.74
CA ILE B 122 5.83 3.59 -16.30
C ILE B 122 6.34 3.89 -14.89
N VAL B 123 6.90 5.09 -14.71
CA VAL B 123 7.41 5.52 -13.42
C VAL B 123 6.67 6.80 -13.19
N ALA B 124 5.54 6.72 -12.48
CA ALA B 124 4.67 7.87 -12.22
C ALA B 124 3.74 7.55 -11.05
N PRO B 125 2.97 8.52 -10.51
CA PRO B 125 1.95 8.16 -9.50
C PRO B 125 0.73 7.44 -10.14
N LEU B 126 0.96 6.24 -10.67
CA LEU B 126 -0.01 5.42 -11.41
C LEU B 126 -0.73 4.42 -10.47
N THR B 127 -2.03 4.62 -10.31
CA THR B 127 -2.89 3.84 -9.44
C THR B 127 -3.02 2.39 -9.86
N ILE B 128 -2.87 1.49 -8.87
CA ILE B 128 -3.05 0.06 -9.11
C ILE B 128 -4.55 -0.21 -9.09
N ASN B 129 -5.09 -0.70 -10.20
CA ASN B 129 -6.52 -1.08 -10.23
C ASN B 129 -6.71 -2.32 -11.05
N ASN B 130 -7.85 -2.99 -10.86
CA ASN B 130 -8.20 -4.24 -11.56
C ASN B 130 -8.12 -4.07 -13.10
N GLU B 131 -8.68 -2.98 -13.62
CA GLU B 131 -8.72 -2.67 -15.05
C GLU B 131 -7.34 -2.68 -15.68
N ARG B 132 -6.37 -1.99 -15.08
CA ARG B 132 -5.01 -1.96 -15.63
C ARG B 132 -4.21 -3.21 -15.33
N ALA B 133 -4.37 -3.82 -14.10
CA ALA B 133 -3.67 -5.06 -13.69
C ALA B 133 -3.99 -6.23 -14.61
N GLN B 134 -5.12 -6.18 -15.32
CA GLN B 134 -5.54 -7.15 -16.33
C GLN B 134 -4.58 -7.18 -17.52
N TYR B 135 -4.00 -6.01 -17.91
CA TYR B 135 -3.12 -5.92 -19.08
C TYR B 135 -1.66 -5.72 -18.78
N ILE B 136 -1.33 -5.13 -17.61
CA ILE B 136 0.07 -4.88 -17.26
C ILE B 136 0.43 -5.41 -15.88
N GLU B 137 1.71 -5.59 -15.63
CA GLU B 137 2.27 -5.95 -14.33
C GLU B 137 2.52 -4.68 -13.50
N PHE B 138 1.96 -4.63 -12.28
CA PHE B 138 2.24 -3.53 -11.36
C PHE B 138 3.24 -4.04 -10.36
N SER B 139 4.15 -3.19 -9.91
CA SER B 139 5.06 -3.59 -8.82
C SER B 139 4.23 -3.58 -7.53
N LYS B 140 4.88 -3.89 -6.40
CA LYS B 140 4.29 -3.74 -5.06
C LYS B 140 4.18 -2.23 -4.87
N PRO B 141 3.15 -1.71 -4.14
CA PRO B 141 3.01 -0.23 -4.03
C PRO B 141 4.24 0.50 -3.46
N PHE B 142 4.57 1.68 -4.01
CA PHE B 142 5.67 2.48 -3.47
C PHE B 142 5.04 3.61 -2.64
N LYS B 143 3.69 3.71 -2.69
CA LYS B 143 2.91 4.70 -1.94
C LYS B 143 1.48 4.22 -1.82
N TYR B 144 0.93 4.26 -0.58
CA TYR B 144 -0.47 3.99 -0.29
C TYR B 144 -1.09 5.35 -0.01
N GLN B 145 -2.25 5.61 -0.61
CA GLN B 145 -2.98 6.87 -0.47
C GLN B 145 -4.46 6.62 -0.73
N GLY B 146 -5.17 7.65 -1.15
CA GLY B 146 -6.59 7.49 -1.46
C GLY B 146 -7.15 8.67 -2.22
N LEU B 147 -8.48 8.77 -2.24
CA LEU B 147 -9.12 9.89 -2.91
C LEU B 147 -9.70 10.82 -1.88
N THR B 148 -9.72 12.12 -2.20
CA THR B 148 -10.25 13.19 -1.37
C THR B 148 -10.73 14.31 -2.30
N ILE B 149 -11.35 15.36 -1.74
CA ILE B 149 -11.89 16.49 -2.51
C ILE B 149 -11.08 17.78 -2.24
N LEU B 150 -10.71 18.53 -3.28
CA LEU B 150 -10.03 19.81 -3.14
C LEU B 150 -11.01 20.95 -3.46
N VAL B 151 -11.31 21.79 -2.44
CA VAL B 151 -12.21 22.94 -2.54
C VAL B 151 -11.49 24.22 -2.10
N LYS B 152 -12.10 25.39 -2.38
CA LYS B 152 -11.58 26.70 -1.95
C LYS B 152 -11.98 26.87 -0.49
N LYS B 153 -11.09 27.46 0.33
CA LYS B 153 -11.33 27.68 1.76
C LYS B 153 -12.67 28.38 1.97
N GLY B 154 -13.53 27.74 2.77
CA GLY B 154 -14.88 28.21 3.07
C GLY B 154 -15.96 27.24 2.64
N THR B 155 -15.76 26.56 1.48
CA THR B 155 -16.67 25.57 0.90
C THR B 155 -16.77 24.36 1.86
N ARG B 156 -17.97 24.10 2.42
CA ARG B 156 -18.18 23.03 3.40
C ARG B 156 -18.81 21.74 2.81
N ILE B 157 -18.07 20.61 2.92
CA ILE B 157 -18.48 19.28 2.44
C ILE B 157 -18.14 18.22 3.51
N THR B 158 -19.07 17.28 3.77
CA THR B 158 -18.88 16.17 4.74
C THR B 158 -17.91 15.11 4.16
N GLY B 159 -17.99 14.91 2.84
CA GLY B 159 -17.19 13.96 2.08
C GLY B 159 -17.91 13.50 0.83
N ILE B 160 -17.70 12.23 0.43
CA ILE B 160 -18.34 11.61 -0.74
C ILE B 160 -19.87 11.46 -0.51
N ASN B 161 -20.29 11.37 0.76
CA ASN B 161 -21.67 11.25 1.21
C ASN B 161 -22.28 12.62 1.59
N ASP B 162 -22.04 13.63 0.74
CA ASP B 162 -22.58 14.99 0.90
C ASP B 162 -23.66 15.17 -0.17
N PRO B 163 -24.89 15.60 0.20
CA PRO B 163 -25.96 15.77 -0.80
C PRO B 163 -25.66 16.72 -1.97
N ARG B 164 -24.67 17.64 -1.84
CA ARG B 164 -24.28 18.55 -2.94
C ARG B 164 -23.55 17.76 -4.06
N LEU B 165 -23.07 16.54 -3.71
CA LEU B 165 -22.38 15.60 -4.61
C LEU B 165 -23.31 14.46 -5.03
N ARG B 166 -23.88 13.71 -4.03
CA ARG B 166 -24.79 12.57 -4.22
C ARG B 166 -26.04 12.94 -5.03
N ASN B 167 -26.51 14.21 -4.90
CA ASN B 167 -27.61 14.80 -5.64
C ASN B 167 -27.06 15.99 -6.45
N PRO B 168 -26.43 15.73 -7.63
CA PRO B 168 -25.84 16.83 -8.41
C PRO B 168 -26.84 17.83 -9.00
N SER B 169 -26.32 19.00 -9.39
CA SER B 169 -27.03 20.14 -10.00
C SER B 169 -26.02 21.10 -10.61
N ASP B 170 -26.43 21.87 -11.66
CA ASP B 170 -25.58 22.86 -12.35
C ASP B 170 -25.08 23.99 -11.42
N LYS B 171 -25.53 23.95 -10.14
CA LYS B 171 -25.18 24.90 -9.09
C LYS B 171 -23.77 24.58 -8.59
N PHE B 172 -23.54 23.31 -8.16
CA PHE B 172 -22.27 22.84 -7.62
C PHE B 172 -21.50 21.93 -8.60
N ILE B 173 -20.69 22.55 -9.48
CA ILE B 173 -19.88 21.86 -10.49
C ILE B 173 -18.62 21.21 -9.87
N TYR B 174 -18.58 19.86 -9.89
CA TYR B 174 -17.44 19.08 -9.40
C TYR B 174 -16.92 18.17 -10.50
N ALA B 175 -15.60 17.91 -10.52
CA ALA B 175 -14.98 17.08 -11.54
C ALA B 175 -13.76 16.29 -11.06
N THR B 176 -13.10 15.60 -12.01
CA THR B 176 -11.86 14.84 -11.86
C THR B 176 -11.06 15.07 -13.14
N VAL B 177 -10.09 14.19 -13.44
CA VAL B 177 -9.26 14.29 -14.64
C VAL B 177 -9.74 13.25 -15.67
N LYS B 178 -9.85 13.66 -16.93
CA LYS B 178 -10.23 12.78 -18.04
C LYS B 178 -9.18 11.65 -18.16
N GLN B 179 -9.64 10.43 -18.45
CA GLN B 179 -8.82 9.24 -18.69
C GLN B 179 -7.81 8.91 -17.59
N SER B 180 -8.31 8.92 -16.34
CA SER B 180 -7.56 8.62 -15.13
C SER B 180 -8.25 7.48 -14.33
N SER B 181 -7.63 7.07 -13.22
CA SER B 181 -8.17 6.04 -12.35
C SER B 181 -9.41 6.51 -11.62
N VAL B 182 -9.54 7.81 -11.33
CA VAL B 182 -10.73 8.36 -10.63
C VAL B 182 -11.91 8.28 -11.60
N ASP B 183 -11.62 8.53 -12.89
CA ASP B 183 -12.55 8.44 -13.98
C ASP B 183 -13.05 6.97 -14.10
N ILE B 184 -12.11 5.97 -14.08
CA ILE B 184 -12.40 4.52 -14.12
C ILE B 184 -13.29 4.12 -12.93
N TYR B 185 -12.97 4.63 -11.72
CA TYR B 185 -13.64 4.34 -10.45
C TYR B 185 -15.13 4.70 -10.45
N PHE B 186 -15.46 5.95 -10.84
CA PHE B 186 -16.84 6.45 -10.91
C PHE B 186 -17.66 5.77 -12.02
N ARG B 187 -16.99 5.36 -13.11
CA ARG B 187 -17.58 4.68 -14.26
C ARG B 187 -17.95 3.22 -13.95
N ARG B 188 -17.09 2.47 -13.25
CA ARG B 188 -17.32 1.05 -12.97
C ARG B 188 -18.37 0.80 -11.89
N GLN B 189 -18.43 1.69 -10.90
CA GLN B 189 -19.34 1.59 -9.79
C GLN B 189 -20.70 2.22 -10.14
N VAL B 190 -21.78 1.39 -10.12
CA VAL B 190 -23.16 1.81 -10.40
C VAL B 190 -23.65 2.71 -9.25
N GLU B 191 -23.21 2.40 -8.01
CA GLU B 191 -23.49 3.14 -6.77
C GLU B 191 -23.14 4.64 -6.90
N LEU B 192 -22.24 5.00 -7.86
CA LEU B 192 -21.79 6.36 -8.11
C LEU B 192 -22.11 6.86 -9.52
N SER B 193 -23.05 6.21 -10.24
CA SER B 193 -23.42 6.58 -11.61
C SER B 193 -23.98 8.01 -11.74
N THR B 194 -24.74 8.49 -10.73
CA THR B 194 -25.33 9.84 -10.72
C THR B 194 -24.21 10.89 -10.71
N MET B 195 -23.18 10.64 -9.87
CA MET B 195 -21.99 11.49 -9.72
C MET B 195 -21.16 11.50 -11.00
N TYR B 196 -20.90 10.29 -11.56
CA TYR B 196 -20.16 10.11 -12.81
C TYR B 196 -20.75 10.90 -13.97
N ARG B 197 -22.08 10.81 -14.17
CA ARG B 197 -22.80 11.51 -15.23
C ARG B 197 -22.72 13.05 -15.10
N HIS B 198 -22.69 13.58 -13.86
CA HIS B 198 -22.49 15.01 -13.63
C HIS B 198 -21.04 15.34 -14.04
N MET B 199 -20.07 14.56 -13.49
CA MET B 199 -18.63 14.68 -13.67
C MET B 199 -18.16 14.66 -15.10
N GLU B 200 -18.59 13.64 -15.91
CA GLU B 200 -18.20 13.47 -17.32
C GLU B 200 -18.26 14.73 -18.17
N LYS B 201 -19.22 15.63 -17.87
CA LYS B 201 -19.42 16.89 -18.57
C LYS B 201 -18.43 18.02 -18.18
N HIS B 202 -17.75 17.90 -17.01
CA HIS B 202 -16.84 18.93 -16.48
C HIS B 202 -15.39 18.49 -16.21
N ASN B 203 -14.99 17.26 -16.58
CA ASN B 203 -13.63 16.74 -16.34
C ASN B 203 -12.54 17.52 -17.10
N TYR B 204 -11.39 17.73 -16.44
CA TYR B 204 -10.25 18.46 -17.00
C TYR B 204 -9.21 17.52 -17.62
N GLU B 205 -8.40 18.07 -18.54
CA GLU B 205 -7.36 17.34 -19.24
C GLU B 205 -6.23 16.88 -18.29
N SER B 206 -5.92 17.71 -17.29
CA SER B 206 -4.84 17.44 -16.34
C SER B 206 -5.21 17.97 -14.95
N ALA B 207 -4.58 17.43 -13.87
CA ALA B 207 -4.83 17.86 -12.49
C ALA B 207 -4.47 19.35 -12.27
N ALA B 208 -3.30 19.80 -12.75
CA ALA B 208 -2.87 21.21 -12.68
C ALA B 208 -4.01 22.15 -13.19
N GLU B 209 -4.61 21.85 -14.37
CA GLU B 209 -5.71 22.63 -14.95
C GLU B 209 -6.88 22.66 -13.98
N ALA B 210 -7.28 21.48 -13.47
CA ALA B 210 -8.37 21.34 -12.50
C ALA B 210 -8.12 22.05 -11.17
N ILE B 211 -6.86 22.12 -10.71
CA ILE B 211 -6.47 22.80 -9.47
C ILE B 211 -6.58 24.34 -9.64
N GLN B 212 -6.18 24.85 -10.83
CA GLN B 212 -6.26 26.26 -11.19
C GLN B 212 -7.74 26.68 -11.37
N ALA B 213 -8.56 25.77 -11.91
CA ALA B 213 -10.00 25.97 -12.08
C ALA B 213 -10.70 26.18 -10.71
N VAL B 214 -10.23 25.51 -9.63
CA VAL B 214 -10.76 25.65 -8.26
C VAL B 214 -10.32 27.01 -7.68
N ARG B 215 -9.19 27.55 -8.19
CA ARG B 215 -8.65 28.84 -7.78
C ARG B 215 -9.40 29.98 -8.50
N ASP B 216 -9.50 29.89 -9.84
CA ASP B 216 -10.18 30.85 -10.73
C ASP B 216 -11.71 30.64 -10.74
N ASN B 217 -12.29 30.21 -9.59
CA ASN B 217 -13.69 29.94 -9.29
C ASN B 217 -14.52 29.20 -10.39
N LYS B 218 -13.85 28.52 -11.35
CA LYS B 218 -14.49 27.77 -12.44
C LYS B 218 -14.97 26.36 -12.04
N LEU B 219 -14.38 25.79 -10.97
CA LEU B 219 -14.70 24.48 -10.42
C LEU B 219 -14.91 24.59 -8.91
N HIS B 220 -15.94 23.94 -8.38
CA HIS B 220 -16.23 24.01 -6.95
C HIS B 220 -15.43 22.98 -6.18
N ALA B 221 -15.54 21.69 -6.58
CA ALA B 221 -14.85 20.56 -5.96
C ALA B 221 -14.08 19.75 -7.02
N PHE B 222 -12.87 19.27 -6.67
CA PHE B 222 -12.01 18.43 -7.51
C PHE B 222 -11.72 17.11 -6.76
N ILE B 223 -12.22 15.97 -7.29
CA ILE B 223 -12.01 14.64 -6.70
C ILE B 223 -10.73 14.09 -7.34
N TRP B 224 -9.71 13.84 -6.48
CA TRP B 224 -8.40 13.41 -6.95
C TRP B 224 -7.61 12.70 -5.86
N ASP B 225 -6.41 12.21 -6.23
CA ASP B 225 -5.45 11.52 -5.38
C ASP B 225 -5.06 12.42 -4.23
N SER B 226 -5.18 11.89 -2.99
CA SER B 226 -4.86 12.61 -1.76
C SER B 226 -3.39 12.98 -1.62
N ALA B 227 -2.45 12.13 -2.16
CA ALA B 227 -1.00 12.41 -2.09
C ALA B 227 -0.71 13.75 -2.79
N VAL B 228 -1.39 13.99 -3.95
CA VAL B 228 -1.29 15.21 -4.74
C VAL B 228 -2.09 16.35 -4.08
N LEU B 229 -3.38 16.12 -3.77
CA LEU B 229 -4.27 17.11 -3.16
C LEU B 229 -3.78 17.65 -1.81
N GLU B 230 -3.41 16.76 -0.85
CA GLU B 230 -2.90 17.17 0.48
C GLU B 230 -1.70 18.07 0.32
N PHE B 231 -0.77 17.70 -0.59
CA PHE B 231 0.43 18.46 -0.90
C PHE B 231 0.08 19.83 -1.47
N GLU B 232 -0.94 19.90 -2.33
CA GLU B 232 -1.37 21.15 -2.95
C GLU B 232 -2.03 22.10 -1.96
N ALA B 233 -2.78 21.57 -0.98
CA ALA B 233 -3.46 22.32 0.08
C ALA B 233 -2.46 22.87 1.11
N SER B 234 -1.32 22.19 1.29
CA SER B 234 -0.26 22.58 2.24
C SER B 234 0.66 23.65 1.65
N GLN B 235 0.54 23.91 0.34
CA GLN B 235 1.34 24.89 -0.41
C GLN B 235 0.51 26.13 -0.69
N LYS B 236 -0.69 25.95 -1.27
CA LYS B 236 -1.65 26.99 -1.65
C LYS B 236 -2.72 27.03 -0.55
N CYS B 237 -2.55 27.95 0.42
CA CYS B 237 -3.40 28.02 1.61
C CYS B 237 -4.84 28.55 1.35
N ASP B 238 -5.16 28.93 0.09
CA ASP B 238 -6.50 29.35 -0.33
C ASP B 238 -7.39 28.13 -0.63
N LEU B 239 -6.75 26.96 -0.83
CA LEU B 239 -7.39 25.67 -1.10
C LEU B 239 -7.14 24.77 0.11
N VAL B 240 -8.12 23.93 0.44
CA VAL B 240 -8.09 22.99 1.56
C VAL B 240 -8.74 21.69 1.06
N THR B 241 -8.33 20.54 1.62
CA THR B 241 -8.95 19.27 1.28
C THR B 241 -10.13 19.05 2.23
N THR B 242 -11.27 18.57 1.70
CA THR B 242 -12.45 18.32 2.50
C THR B 242 -12.82 16.84 2.54
N GLY B 243 -13.27 16.39 3.71
CA GLY B 243 -13.62 15.00 3.95
C GLY B 243 -12.39 14.18 4.32
N GLU B 244 -12.61 12.87 4.54
CA GLU B 244 -11.52 11.94 4.88
C GLU B 244 -11.00 11.30 3.56
N LEU B 245 -10.76 9.99 3.56
CA LEU B 245 -10.31 9.31 2.36
C LEU B 245 -11.28 8.20 1.99
N PHE B 246 -11.64 8.15 0.71
CA PHE B 246 -12.49 7.09 0.13
C PHE B 246 -11.69 6.44 -1.01
N PHE B 247 -11.97 5.16 -1.30
CA PHE B 247 -11.25 4.35 -2.31
C PHE B 247 -9.70 4.45 -2.12
N ARG B 248 -9.25 4.04 -0.94
CA ARG B 248 -7.84 4.02 -0.63
C ARG B 248 -7.13 3.13 -1.67
N SER B 249 -6.12 3.68 -2.35
CA SER B 249 -5.40 3.00 -3.42
C SER B 249 -3.90 3.23 -3.39
N GLY B 250 -3.16 2.34 -4.04
CA GLY B 250 -1.71 2.44 -4.13
C GLY B 250 -1.20 2.84 -5.51
N PHE B 251 0.02 3.39 -5.54
CA PHE B 251 0.75 3.73 -6.76
C PHE B 251 1.82 2.66 -6.91
N GLY B 252 1.97 2.15 -8.13
CA GLY B 252 2.96 1.14 -8.44
C GLY B 252 3.65 1.44 -9.74
N ILE B 253 4.80 0.78 -9.98
CA ILE B 253 5.59 0.86 -11.21
C ILE B 253 4.91 -0.09 -12.24
N GLY B 254 4.67 0.43 -13.46
CA GLY B 254 4.04 -0.30 -14.54
C GLY B 254 5.03 -0.93 -15.52
N MET B 255 4.84 -2.22 -15.80
CA MET B 255 5.66 -2.97 -16.75
C MET B 255 4.74 -3.92 -17.54
N ARG B 256 5.25 -4.46 -18.67
CA ARG B 256 4.52 -5.45 -19.41
C ARG B 256 4.63 -6.78 -18.65
N LYS B 257 3.63 -7.64 -18.81
CA LYS B 257 3.50 -8.94 -18.15
C LYS B 257 4.69 -9.88 -18.44
N ASP B 258 5.48 -9.57 -19.48
CA ASP B 258 6.67 -10.34 -19.90
C ASP B 258 8.01 -9.70 -19.49
N SER B 259 7.99 -8.57 -18.77
CA SER B 259 9.21 -7.85 -18.37
C SER B 259 10.20 -8.71 -17.56
N PRO B 260 11.50 -8.70 -17.88
CA PRO B 260 12.45 -9.50 -17.08
C PRO B 260 12.97 -8.72 -15.85
N TRP B 261 12.30 -7.59 -15.52
CA TRP B 261 12.61 -6.67 -14.44
C TRP B 261 11.60 -6.69 -13.29
N LYS B 262 10.36 -7.16 -13.57
CA LYS B 262 9.22 -7.19 -12.65
C LYS B 262 9.52 -7.71 -11.23
N GLN B 263 10.28 -8.82 -11.09
CA GLN B 263 10.59 -9.37 -9.77
C GLN B 263 11.54 -8.45 -8.97
N ASN B 264 12.63 -8.01 -9.62
CA ASN B 264 13.64 -7.13 -9.03
C ASN B 264 13.13 -5.71 -8.78
N VAL B 265 12.15 -5.23 -9.58
CA VAL B 265 11.55 -3.93 -9.35
C VAL B 265 10.84 -3.96 -8.00
N SER B 266 9.94 -4.96 -7.77
CA SER B 266 9.22 -5.12 -6.51
C SER B 266 10.13 -5.36 -5.30
N LEU B 267 11.18 -6.21 -5.43
CA LEU B 267 12.11 -6.43 -4.31
C LEU B 267 12.78 -5.14 -3.89
N SER B 268 13.13 -4.28 -4.88
CA SER B 268 13.77 -2.98 -4.66
C SER B 268 12.86 -2.04 -3.90
N ILE B 269 11.57 -1.98 -4.28
CA ILE B 269 10.53 -1.17 -3.62
C ILE B 269 10.34 -1.66 -2.17
N LEU B 270 10.31 -2.99 -1.95
CA LEU B 270 10.20 -3.57 -0.62
C LEU B 270 11.39 -3.15 0.25
N LYS B 271 12.61 -3.24 -0.29
CA LYS B 271 13.83 -2.85 0.40
C LYS B 271 13.76 -1.37 0.80
N SER B 272 13.36 -0.51 -0.15
CA SER B 272 13.24 0.93 0.07
C SER B 272 12.20 1.30 1.14
N HIS B 273 11.11 0.52 1.30
CA HIS B 273 10.13 0.77 2.36
C HIS B 273 10.75 0.36 3.72
N GLU B 274 11.45 -0.77 3.72
CA GLU B 274 12.05 -1.35 4.91
C GLU B 274 13.24 -0.59 5.48
N ASN B 275 14.09 0.02 4.62
CA ASN B 275 15.29 0.74 5.06
C ASN B 275 15.14 2.25 5.26
N GLY B 276 13.94 2.79 5.08
CA GLY B 276 13.69 4.22 5.25
C GLY B 276 13.90 5.09 4.03
N PHE B 277 14.37 4.52 2.89
CA PHE B 277 14.56 5.31 1.68
C PHE B 277 13.25 5.95 1.19
N MET B 278 12.15 5.18 1.24
CA MET B 278 10.83 5.66 0.80
C MET B 278 10.30 6.76 1.72
N GLU B 279 10.53 6.62 3.03
CA GLU B 279 10.17 7.59 4.04
C GLU B 279 10.97 8.89 3.83
N ASP B 280 12.27 8.77 3.44
CA ASP B 280 13.11 9.92 3.10
C ASP B 280 12.52 10.71 1.91
N LEU B 281 12.01 10.01 0.86
CA LEU B 281 11.36 10.63 -0.31
C LEU B 281 10.13 11.39 0.13
N ASP B 282 9.36 10.83 1.06
CA ASP B 282 8.19 11.49 1.62
C ASP B 282 8.59 12.77 2.37
N LYS B 283 9.72 12.71 3.10
CA LYS B 283 10.28 13.83 3.84
C LYS B 283 10.70 14.94 2.87
N THR B 284 11.55 14.61 1.89
CA THR B 284 12.07 15.51 0.85
C THR B 284 11.01 16.15 -0.06
N TRP B 285 9.96 15.37 -0.45
CA TRP B 285 9.00 15.82 -1.46
C TRP B 285 7.56 16.06 -1.03
N VAL B 286 7.10 15.45 0.05
CA VAL B 286 5.71 15.61 0.49
C VAL B 286 5.59 16.36 1.83
N ARG B 287 6.08 15.73 2.93
CA ARG B 287 6.00 16.19 4.31
C ARG B 287 6.79 17.48 4.61
N TYR B 288 6.33 18.60 4.04
CA TYR B 288 6.92 19.94 4.23
C TYR B 288 5.90 21.08 3.93
N GLN B 289 5.76 22.01 4.89
CA GLN B 289 4.87 23.17 4.91
C GLN B 289 3.40 22.76 4.88
C ACT C . -0.37 -30.51 6.54
O ACT C . -0.54 -30.35 5.29
OXT ACT C . -1.28 -30.79 7.36
CH3 ACT C . 1.06 -30.36 7.12
N GLU D . 2.50 -9.85 10.87
CA GLU D . 3.86 -10.15 11.28
C GLU D . 4.58 -11.11 10.37
O GLU D . 3.99 -11.56 9.36
CB GLU D . 3.87 -10.70 12.72
CG GLU D . 3.87 -9.61 13.76
CD GLU D . 5.13 -8.77 13.80
OE1 GLU D . 5.02 -7.56 13.53
OE2 GLU D . 6.22 -9.31 14.11
OXT GLU D . 5.72 -11.51 10.73
C4 6RV E . -2.87 -1.29 1.17
C6 6RV E . -2.00 -0.72 -0.89
C11 6RV E . -6.55 -2.15 0.31
C8 6RV E . -4.30 -1.45 -0.52
C9 6RV E . -5.11 -1.83 0.41
N3 6RV E . -1.72 -1.04 1.75
C1 6RV E . -0.79 -0.42 -0.29
C2 6RV E . -0.70 -0.60 1.07
N5 6RV E . -3.05 -1.15 -0.14
O7 6RV E . -2.11 -0.55 -2.07
S10 6RV E . -4.31 -1.83 1.92
F12 6RV E . -7.07 -1.29 -0.59
F13 6RV E . -6.84 -3.45 0.01
F14 6RV E . -7.11 -1.79 1.49
C15 6RV E . -4.68 -1.34 -1.96
C16 6RV E . -5.70 -2.22 -2.69
C17 6RV E . -4.25 -2.61 -2.67
C18 6RV E . -3.28 -2.35 -3.70
N19 6RV E . -2.46 -2.15 -4.43
C20 6RV E . 0.51 -0.33 1.86
N21 6RV E . 1.67 -0.89 1.30
C22 6RV E . 2.67 -0.17 0.88
C23 6RV E . 3.61 -1.01 0.44
C24 6RV E . 3.10 -2.28 0.62
N25 6RV E . 1.95 -2.20 1.13
C26 6RV E . 3.80 -3.53 0.28
F27 6RV E . 4.80 -3.21 -0.57
F28 6RV E . 4.27 -4.14 1.42
F29 6RV E . 2.91 -4.38 -0.27
CL3 6RV E . 2.69 1.53 0.92
N GLY F . -3.17 8.25 -10.22
CA GLY F . -4.03 8.58 -11.36
C GLY F . -4.13 7.40 -12.33
O GLY F . -4.95 7.47 -13.25
OXT GLY F . -3.36 6.44 -12.20
#